data_5ZFH
#
_entry.id   5ZFH
#
_cell.length_a   71.795
_cell.length_b   71.795
_cell.length_c   100.280
_cell.angle_alpha   90.00
_cell.angle_beta   90.00
_cell.angle_gamma   90.00
#
_symmetry.space_group_name_H-M   'P 43 21 2'
#
loop_
_entity.id
_entity.type
_entity.pdbx_description
1 polymer Kallikrein-7
2 water water
#
_entity_poly.entity_id   1
_entity_poly.type   'polypeptide(L)'
_entity_poly.pdbx_seq_one_letter_code
;IIDGYKCKEGSHPWQVALLKGNQLHCGGVLVDKYWVLTAAHCKMGQYQVQLGSDKIGDQSAQKIKATKSFRHPGYSTKTH
VNDIMLVRLDEPVKMSSKVEAVQLPEHCEPPGTSCTVSGWGTTTSPDVTFPSDLMCSDVKLISSRECKKVYKDLLGKTML
CAGIPDSKTNTCNGDSGGPLVCNDTLQGLVSWGTYPCGQPNDPGVYTQVCKYKRWVMETMKTHR
;
_entity_poly.pdbx_strand_id   A
#
# COMPACT_ATOMS: atom_id res chain seq x y z
N ILE A 1 3.84 -9.91 3.86
CA ILE A 1 5.25 -9.67 3.44
C ILE A 1 6.03 -10.94 3.61
N ILE A 2 6.56 -11.46 2.50
CA ILE A 2 7.41 -12.58 2.51
C ILE A 2 8.82 -12.16 2.67
N ASP A 3 9.56 -12.92 3.49
CA ASP A 3 10.99 -12.80 3.61
C ASP A 3 11.33 -11.36 3.87
N GLY A 4 10.72 -10.84 4.94
CA GLY A 4 10.80 -9.45 5.39
C GLY A 4 11.30 -9.41 6.80
N TYR A 5 11.12 -8.24 7.45
CA TYR A 5 11.59 -8.01 8.80
C TYR A 5 10.60 -7.15 9.58
N LYS A 6 10.62 -7.28 10.87
CA LYS A 6 9.73 -6.51 11.71
C LYS A 6 10.12 -5.12 11.56
N CYS A 7 9.20 -4.28 11.08
CA CYS A 7 9.46 -2.87 10.97
C CYS A 7 9.75 -2.30 12.35
N LYS A 8 10.57 -1.27 12.36
CA LYS A 8 11.07 -0.65 13.53
C LYS A 8 9.96 0.13 14.18
N GLU A 9 9.79 -0.09 15.48
CA GLU A 9 8.71 0.56 16.22
C GLU A 9 8.51 2.01 15.77
N GLY A 10 7.27 2.37 15.35
CA GLY A 10 6.94 3.78 15.01
C GLY A 10 7.70 4.46 13.85
N SER A 11 8.36 3.69 13.00
CA SER A 11 8.92 4.26 11.73
C SER A 11 7.90 4.31 10.57
N HIS A 12 6.65 3.94 10.86
CA HIS A 12 5.65 3.81 9.87
C HIS A 12 4.34 4.35 10.32
N PRO A 13 4.35 5.56 10.85
CA PRO A 13 3.19 6.14 11.44
C PRO A 13 2.10 6.48 10.43
N TRP A 14 2.40 6.33 9.15
CA TRP A 14 1.37 6.51 8.06
C TRP A 14 0.65 5.21 7.72
N GLN A 15 1.12 4.09 8.28
CA GLN A 15 0.51 2.80 7.98
C GLN A 15 -0.89 2.72 8.62
N VAL A 16 -1.89 2.30 7.87
CA VAL A 16 -3.13 1.96 8.56
C VAL A 16 -3.57 0.61 8.17
N ALA A 17 -4.46 0.01 8.99
CA ALA A 17 -5.07 -1.26 8.59
C ALA A 17 -6.54 -0.98 8.26
N LEU A 18 -6.98 -1.45 7.09
CA LEU A 18 -8.40 -1.47 6.84
C LEU A 18 -8.93 -2.81 7.27
N LEU A 19 -9.84 -2.79 8.26
CA LEU A 19 -10.46 -4.01 8.80
C LEU A 19 -11.92 -4.15 8.31
N LYS A 20 -12.30 -5.40 7.95
CA LYS A 20 -13.69 -5.81 7.86
C LYS A 20 -14.11 -6.33 9.25
N GLY A 21 -14.77 -5.43 9.97
CA GLY A 21 -15.00 -5.58 11.39
C GLY A 21 -13.70 -5.63 12.17
N ASN A 22 -13.24 -6.85 12.35
CA ASN A 22 -12.11 -7.16 13.20
C ASN A 22 -10.96 -7.59 12.40
N GLN A 23 -11.22 -7.96 11.17
CA GLN A 23 -10.30 -8.77 10.49
C GLN A 23 -9.65 -7.99 9.31
N LEU A 24 -8.36 -8.21 9.16
CA LEU A 24 -7.53 -7.54 8.17
C LEU A 24 -8.09 -7.72 6.80
N HIS A 25 -8.34 -6.63 6.13
CA HIS A 25 -8.79 -6.68 4.74
C HIS A 25 -7.66 -6.19 3.84
N CYS A 26 -7.05 -5.08 4.19
CA CYS A 26 -6.07 -4.43 3.30
C CYS A 26 -5.18 -3.48 4.12
N GLY A 27 -4.07 -3.08 3.56
CA GLY A 27 -3.36 -1.92 4.09
C GLY A 27 -3.83 -0.62 3.52
N GLY A 28 -3.27 0.45 4.02
CA GLY A 28 -3.64 1.79 3.59
C GLY A 28 -2.60 2.72 4.10
N VAL A 29 -2.62 3.97 3.61
CA VAL A 29 -1.68 4.96 4.02
C VAL A 29 -2.31 6.36 4.28
N LEU A 30 -2.06 6.88 5.43
CA LEU A 30 -2.67 8.10 5.84
C LEU A 30 -2.09 9.24 5.03
N VAL A 31 -2.92 10.11 4.51
CA VAL A 31 -2.39 11.20 3.64
C VAL A 31 -2.78 12.55 4.14
N ASP A 32 -3.61 12.56 5.17
CA ASP A 32 -4.13 13.72 5.74
C ASP A 32 -4.92 13.22 6.99
N LYS A 33 -5.33 14.11 7.88
CA LYS A 33 -6.08 13.70 9.05
C LYS A 33 -7.41 13.01 8.71
N TYR A 34 -7.95 13.28 7.54
CA TYR A 34 -9.27 12.77 7.16
C TYR A 34 -9.23 11.74 6.06
N TRP A 35 -8.11 11.55 5.46
CA TRP A 35 -8.05 10.75 4.22
C TRP A 35 -7.01 9.64 4.30
N VAL A 36 -7.38 8.47 3.76
CA VAL A 36 -6.53 7.32 3.61
C VAL A 36 -6.47 6.89 2.13
N LEU A 37 -5.29 6.53 1.68
CA LEU A 37 -5.07 6.15 0.32
C LEU A 37 -4.80 4.65 0.30
N THR A 38 -5.38 3.95 -0.66
CA THR A 38 -5.30 2.49 -0.68
C THR A 38 -5.61 2.03 -2.09
N ALA A 39 -5.67 0.73 -2.32
CA ALA A 39 -5.95 0.17 -3.70
C ALA A 39 -7.43 0.15 -3.95
N ALA A 40 -7.82 0.22 -5.22
CA ALA A 40 -9.22 0.26 -5.52
C ALA A 40 -9.84 -1.11 -5.30
N HIS A 41 -9.03 -2.14 -5.33
CA HIS A 41 -9.59 -3.45 -5.23
C HIS A 41 -9.86 -3.79 -3.82
N CYS A 42 -9.48 -2.86 -2.92
CA CYS A 42 -9.73 -2.97 -1.51
C CYS A 42 -11.12 -2.44 -1.08
N LYS A 43 -11.87 -1.93 -2.03
CA LYS A 43 -13.12 -1.22 -1.72
C LYS A 43 -14.15 -2.06 -0.91
N MET A 44 -14.69 -1.47 0.15
CA MET A 44 -15.90 -1.99 0.78
C MET A 44 -16.86 -0.86 1.17
N GLY A 45 -18.06 -1.24 1.52
CA GLY A 45 -19.10 -0.30 1.92
C GLY A 45 -18.72 0.41 3.20
N GLN A 46 -18.11 -0.31 4.11
CA GLN A 46 -17.49 0.35 5.27
C GLN A 46 -16.20 -0.29 5.69
N TYR A 47 -15.41 0.45 6.46
CA TYR A 47 -14.20 -0.07 7.06
C TYR A 47 -14.09 0.35 8.51
N GLN A 48 -13.32 -0.40 9.26
CA GLN A 48 -12.76 0.15 10.47
C GLN A 48 -11.28 0.36 10.21
N VAL A 49 -10.83 1.59 10.32
CA VAL A 49 -9.46 1.94 10.01
C VAL A 49 -8.68 2.04 11.31
N GLN A 50 -7.72 1.15 11.47
CA GLN A 50 -6.83 1.15 12.60
C GLN A 50 -5.62 1.99 12.30
N LEU A 51 -5.36 2.97 13.16
CA LEU A 51 -4.22 3.84 13.03
C LEU A 51 -3.33 3.74 14.24
N GLY A 52 -2.08 4.09 14.04
CA GLY A 52 -1.19 4.44 15.21
C GLY A 52 -0.63 3.26 15.97
N SER A 53 -0.55 2.10 15.36
CA SER A 53 0.12 0.96 16.00
C SER A 53 0.73 0.09 14.95
N ASP A 54 1.86 -0.50 15.26
CA ASP A 54 2.43 -1.55 14.34
C ASP A 54 1.81 -2.93 14.53
N LYS A 55 0.96 -3.06 15.53
CA LYS A 55 0.42 -4.39 15.93
C LYS A 55 -1.02 -4.42 15.42
N ILE A 56 -1.36 -5.45 14.71
CA ILE A 56 -2.64 -5.55 14.12
C ILE A 56 -3.70 -6.09 15.13
N GLY A 57 -4.81 -5.34 15.28
CA GLY A 57 -5.84 -5.65 16.23
C GLY A 57 -5.46 -5.17 17.60
N ASP A 58 -4.58 -4.18 17.65
CA ASP A 58 -4.14 -3.61 18.92
C ASP A 58 -5.36 -2.96 19.55
N GLN A 59 -5.70 -3.42 20.72
CA GLN A 59 -6.81 -2.90 21.44
C GLN A 59 -6.61 -1.47 21.91
N SER A 60 -5.39 -1.03 21.99
CA SER A 60 -5.15 0.34 22.39
C SER A 60 -5.21 1.28 21.25
N ALA A 61 -5.09 0.81 20.03
CA ALA A 61 -4.99 1.74 18.91
C ALA A 61 -6.36 2.19 18.49
N GLN A 62 -6.46 3.43 18.06
CA GLN A 62 -7.77 3.99 17.66
C GLN A 62 -8.23 3.38 16.36
N LYS A 63 -9.53 3.01 16.31
CA LYS A 63 -10.22 2.66 15.07
C LYS A 63 -11.15 3.76 14.78
N ILE A 64 -11.12 4.21 13.55
CA ILE A 64 -12.07 5.20 13.06
C ILE A 64 -12.84 4.56 11.93
N LYS A 65 -14.16 4.67 11.99
CA LYS A 65 -14.98 4.15 10.95
C LYS A 65 -14.91 5.02 9.70
N ALA A 66 -15.05 4.41 8.54
CA ALA A 66 -15.12 5.11 7.28
C ALA A 66 -16.17 4.42 6.40
N THR A 67 -17.03 5.21 5.73
CA THR A 67 -18.06 4.64 4.84
C THR A 67 -18.01 5.12 3.37
N LYS A 68 -17.14 6.07 3.07
CA LYS A 68 -17.12 6.70 1.78
C LYS A 68 -15.82 6.53 1.07
N SER A 69 -15.89 5.97 -0.15
CA SER A 69 -14.74 5.63 -0.91
C SER A 69 -14.79 6.33 -2.23
N PHE A 70 -13.66 6.79 -2.65
CA PHE A 70 -13.54 7.43 -3.92
C PHE A 70 -12.52 6.69 -4.79
N ARG A 71 -13.02 5.69 -5.54
CA ARG A 71 -12.19 4.97 -6.49
C ARG A 71 -11.85 5.76 -7.71
N HIS A 72 -10.65 5.62 -8.19
CA HIS A 72 -10.30 6.26 -9.48
C HIS A 72 -11.25 5.73 -10.47
N PRO A 73 -11.80 6.61 -11.31
CA PRO A 73 -12.92 6.23 -12.16
C PRO A 73 -12.45 5.31 -13.23
N GLY A 74 -11.17 5.36 -13.53
CA GLY A 74 -10.57 4.40 -14.45
C GLY A 74 -10.25 2.98 -13.94
N TYR A 75 -10.54 2.67 -12.69
CA TYR A 75 -10.17 1.36 -12.16
C TYR A 75 -10.77 0.25 -13.01
N SER A 76 -9.97 -0.79 -13.32
CA SER A 76 -10.49 -1.95 -14.07
C SER A 76 -10.48 -3.20 -13.19
N THR A 77 -11.65 -3.80 -12.98
CA THR A 77 -11.69 -5.12 -12.33
C THR A 77 -11.02 -6.27 -13.24
N LYS A 78 -10.75 -5.98 -14.51
CA LYS A 78 -10.16 -6.98 -15.41
C LYS A 78 -8.65 -6.93 -15.37
N THR A 79 -8.09 -5.75 -15.51
CA THR A 79 -6.63 -5.59 -15.67
C THR A 79 -5.98 -5.05 -14.45
N HIS A 80 -6.77 -4.48 -13.59
CA HIS A 80 -6.26 -3.72 -12.41
C HIS A 80 -5.43 -2.46 -12.71
N VAL A 81 -5.59 -1.90 -13.88
CA VAL A 81 -5.15 -0.50 -14.10
C VAL A 81 -5.89 0.52 -13.22
N ASN A 82 -5.16 1.55 -12.78
CA ASN A 82 -5.73 2.60 -11.95
C ASN A 82 -6.27 2.03 -10.61
N ASP A 83 -5.44 1.23 -9.95
CA ASP A 83 -5.86 0.56 -8.78
C ASP A 83 -5.53 1.47 -7.57
N ILE A 84 -6.32 2.52 -7.41
CA ILE A 84 -6.07 3.54 -6.37
C ILE A 84 -7.41 4.12 -5.97
N MET A 85 -7.52 4.50 -4.71
CA MET A 85 -8.80 4.83 -4.12
C MET A 85 -8.56 5.66 -2.89
N LEU A 86 -9.30 6.70 -2.71
CA LEU A 86 -9.20 7.49 -1.51
C LEU A 86 -10.38 7.16 -0.63
N VAL A 87 -10.14 7.11 0.68
CA VAL A 87 -11.14 6.82 1.64
C VAL A 87 -11.25 7.98 2.65
N ARG A 88 -12.48 8.49 2.85
CA ARG A 88 -12.73 9.57 3.81
C ARG A 88 -13.12 9.01 5.16
N LEU A 89 -12.33 9.31 6.18
CA LEU A 89 -12.65 8.94 7.56
C LEU A 89 -13.90 9.64 8.13
N ASP A 90 -14.67 8.92 8.96
CA ASP A 90 -15.87 9.58 9.64
C ASP A 90 -15.46 10.74 10.55
N GLU A 91 -14.28 10.62 11.14
CA GLU A 91 -13.76 11.61 12.04
C GLU A 91 -12.28 11.73 11.79
N PRO A 92 -11.68 12.90 12.08
CA PRO A 92 -10.25 13.09 11.75
C PRO A 92 -9.39 12.48 12.83
N VAL A 93 -8.25 12.02 12.46
CA VAL A 93 -7.38 11.43 13.42
C VAL A 93 -6.41 12.43 13.96
N LYS A 94 -6.14 12.31 15.23
CA LYS A 94 -5.23 13.22 15.89
C LYS A 94 -3.84 12.80 15.59
N MET A 95 -3.00 13.72 15.17
CA MET A 95 -1.66 13.36 14.88
C MET A 95 -0.85 13.18 16.16
N SER A 96 0.21 12.39 16.07
CA SER A 96 1.07 12.13 17.25
C SER A 96 2.30 11.41 16.78
N SER A 97 3.10 10.93 17.72
CA SER A 97 4.32 10.25 17.32
C SER A 97 4.06 8.90 16.65
N LYS A 98 2.83 8.38 16.79
CA LYS A 98 2.50 7.11 16.17
C LYS A 98 1.62 7.29 14.91
N VAL A 99 1.10 8.50 14.71
CA VAL A 99 0.17 8.75 13.60
C VAL A 99 0.67 10.02 12.87
N GLU A 100 1.01 9.86 11.57
CA GLU A 100 1.51 10.97 10.75
C GLU A 100 1.23 10.67 9.27
N ALA A 101 0.73 11.68 8.54
CA ALA A 101 0.56 11.54 7.14
C ALA A 101 1.89 11.30 6.41
N VAL A 102 1.81 10.48 5.41
CA VAL A 102 2.94 10.27 4.57
C VAL A 102 3.17 11.46 3.67
N GLN A 103 4.41 11.70 3.24
CA GLN A 103 4.71 12.65 2.15
C GLN A 103 4.32 12.11 0.80
N LEU A 104 3.39 12.82 0.12
CA LEU A 104 3.05 12.52 -1.28
C LEU A 104 4.14 12.99 -2.22
N PRO A 105 4.35 12.26 -3.32
CA PRO A 105 5.55 12.55 -4.12
C PRO A 105 5.41 13.81 -4.96
N GLU A 106 6.49 14.52 -5.20
CA GLU A 106 6.47 15.58 -6.20
C GLU A 106 6.91 15.05 -7.57
N HIS A 107 7.80 14.05 -7.59
CA HIS A 107 8.29 13.44 -8.84
C HIS A 107 8.29 11.90 -8.78
N CYS A 108 8.58 11.27 -9.89
CA CYS A 108 8.66 9.82 -9.96
C CYS A 108 10.11 9.39 -9.66
N GLU A 109 10.33 8.50 -8.72
CA GLU A 109 11.69 8.07 -8.42
C GLU A 109 12.11 7.12 -9.54
N PRO A 110 13.42 7.11 -9.92
CA PRO A 110 13.74 6.26 -11.06
C PRO A 110 13.99 4.79 -10.70
N PRO A 111 14.20 3.95 -11.70
CA PRO A 111 14.64 2.56 -11.49
C PRO A 111 15.91 2.50 -10.68
N GLY A 112 16.02 1.50 -9.83
CA GLY A 112 17.16 1.38 -8.98
C GLY A 112 17.00 2.01 -7.61
N THR A 113 16.05 2.92 -7.46
CA THR A 113 15.85 3.60 -6.19
C THR A 113 15.49 2.58 -5.12
N SER A 114 16.01 2.79 -3.92
CA SER A 114 15.80 1.85 -2.83
C SER A 114 14.54 2.22 -2.10
N CYS A 115 13.69 1.23 -1.84
CA CYS A 115 12.41 1.46 -1.23
C CYS A 115 12.14 0.46 -0.07
N THR A 116 11.03 0.70 0.66
CA THR A 116 10.50 -0.27 1.63
C THR A 116 9.01 -0.30 1.54
N VAL A 117 8.47 -1.49 1.51
CA VAL A 117 7.05 -1.68 1.56
C VAL A 117 6.74 -2.39 2.83
N SER A 118 5.58 -2.07 3.43
CA SER A 118 5.19 -2.61 4.77
C SER A 118 3.75 -3.17 4.72
N GLY A 119 3.50 -4.27 5.47
CA GLY A 119 2.14 -4.67 5.75
C GLY A 119 2.00 -5.85 6.70
N TRP A 120 0.76 -6.26 6.93
CA TRP A 120 0.41 -7.34 7.85
C TRP A 120 -0.10 -8.56 7.08
N GLY A 121 0.24 -8.57 5.83
CA GLY A 121 -0.03 -9.70 4.99
C GLY A 121 0.67 -10.95 5.47
N THR A 122 0.29 -12.05 4.88
CA THR A 122 0.87 -13.31 5.22
C THR A 122 2.35 -13.30 4.96
N THR A 123 3.08 -14.01 5.78
CA THR A 123 4.55 -14.12 5.63
C THR A 123 4.98 -15.42 5.02
N THR A 124 4.00 -16.19 4.54
CA THR A 124 4.23 -17.44 3.84
C THR A 124 3.20 -17.61 2.70
N SER A 125 3.51 -18.44 1.72
CA SER A 125 2.56 -18.67 0.58
C SER A 125 2.96 -19.93 -0.12
N PRO A 126 2.00 -20.79 -0.49
CA PRO A 126 0.54 -20.52 -0.44
C PRO A 126 -0.09 -20.76 0.97
N ASP A 127 0.56 -21.56 1.78
CA ASP A 127 0.08 -21.80 3.12
C ASP A 127 0.27 -20.49 3.96
N VAL A 128 -0.78 -20.00 4.55
CA VAL A 128 -0.76 -18.61 5.03
C VAL A 128 -0.45 -18.51 6.52
N THR A 129 0.37 -17.53 6.91
CA THR A 129 0.51 -17.15 8.31
C THR A 129 0.47 -15.68 8.44
N PHE A 130 -0.44 -15.20 9.27
CA PHE A 130 -0.62 -13.79 9.46
C PHE A 130 0.05 -13.35 10.75
N PRO A 131 0.89 -12.34 10.66
CA PRO A 131 1.68 -11.79 11.76
C PRO A 131 0.91 -10.84 12.66
N SER A 132 1.40 -10.69 13.88
CA SER A 132 0.93 -9.58 14.72
C SER A 132 1.58 -8.25 14.31
N ASP A 133 2.90 -8.26 14.23
CA ASP A 133 3.71 -7.01 14.00
C ASP A 133 3.75 -6.64 12.52
N LEU A 134 3.73 -5.35 12.21
CA LEU A 134 3.94 -4.87 10.84
C LEU A 134 5.28 -5.34 10.28
N MET A 135 5.28 -5.85 9.05
CA MET A 135 6.50 -6.38 8.42
C MET A 135 6.94 -5.49 7.26
N CYS A 136 8.21 -5.48 7.00
CA CYS A 136 8.77 -4.59 6.05
C CYS A 136 9.58 -5.39 5.09
N SER A 137 9.74 -4.88 3.86
CA SER A 137 10.61 -5.52 2.83
C SER A 137 11.33 -4.41 2.07
N ASP A 138 12.63 -4.53 1.96
CA ASP A 138 13.42 -3.60 1.21
C ASP A 138 13.52 -4.05 -0.27
N VAL A 139 12.99 -3.23 -1.16
CA VAL A 139 13.02 -3.51 -2.58
C VAL A 139 13.50 -2.30 -3.36
N LYS A 140 13.78 -2.56 -4.63
CA LYS A 140 14.26 -1.56 -5.55
C LYS A 140 13.38 -1.45 -6.77
N LEU A 141 13.12 -0.23 -7.16
CA LEU A 141 12.30 0.06 -8.34
C LEU A 141 12.94 -0.57 -9.57
N ILE A 142 12.14 -1.33 -10.31
CA ILE A 142 12.50 -1.92 -11.59
C ILE A 142 11.84 -1.14 -12.77
N SER A 143 12.62 -0.81 -13.81
CA SER A 143 12.10 -0.11 -14.99
C SER A 143 10.95 -0.90 -15.67
N SER A 144 9.99 -0.17 -16.25
CA SER A 144 8.92 -0.76 -17.07
C SER A 144 9.49 -1.74 -18.06
N ARG A 145 10.53 -1.31 -18.74
CA ARG A 145 11.14 -2.12 -19.78
C ARG A 145 11.66 -3.48 -19.26
N GLU A 146 12.26 -3.52 -18.08
CA GLU A 146 12.66 -4.83 -17.47
C GLU A 146 11.45 -5.64 -17.02
N CYS A 147 10.54 -4.96 -16.34
CA CYS A 147 9.43 -5.61 -15.70
C CYS A 147 8.53 -6.26 -16.74
N LYS A 148 8.41 -5.58 -17.89
CA LYS A 148 7.71 -6.12 -19.07
C LYS A 148 8.26 -7.46 -19.55
N LYS A 149 9.56 -7.67 -19.44
CA LYS A 149 10.11 -8.99 -19.79
C LYS A 149 9.43 -10.10 -19.01
N VAL A 150 8.99 -9.81 -17.80
CA VAL A 150 8.28 -10.82 -17.02
C VAL A 150 6.80 -10.82 -17.27
N TYR A 151 6.19 -9.63 -17.28
CA TYR A 151 4.74 -9.54 -17.20
C TYR A 151 4.10 -9.17 -18.49
N LYS A 152 4.88 -8.70 -19.44
CA LYS A 152 4.32 -8.46 -20.80
C LYS A 152 3.12 -7.50 -20.73
N ASP A 153 1.99 -7.91 -21.32
CA ASP A 153 0.87 -6.99 -21.55
C ASP A 153 0.09 -6.74 -20.27
N LEU A 154 0.31 -7.58 -19.25
CA LEU A 154 -0.28 -7.34 -17.94
C LEU A 154 0.07 -5.99 -17.41
N LEU A 155 1.20 -5.45 -17.79
CA LEU A 155 1.70 -4.16 -17.22
C LEU A 155 1.17 -2.96 -17.92
N GLY A 156 0.51 -2.08 -17.21
CA GLY A 156 0.04 -0.83 -17.79
C GLY A 156 1.06 0.28 -17.51
N LYS A 157 0.83 1.45 -18.10
CA LYS A 157 1.78 2.59 -18.02
C LYS A 157 1.91 3.21 -16.62
N THR A 158 1.01 2.87 -15.72
CA THR A 158 1.08 3.49 -14.43
C THR A 158 1.12 2.48 -13.35
N MET A 159 1.55 1.27 -13.72
CA MET A 159 2.00 0.29 -12.76
C MET A 159 3.50 0.39 -12.60
N LEU A 160 3.94 0.35 -11.36
CA LEU A 160 5.33 0.41 -11.01
C LEU A 160 5.78 -0.92 -10.44
N CYS A 161 6.96 -1.38 -10.82
CA CYS A 161 7.45 -2.64 -10.33
C CYS A 161 8.61 -2.45 -9.30
N ALA A 162 8.68 -3.35 -8.32
CA ALA A 162 9.81 -3.38 -7.34
C ALA A 162 10.14 -4.76 -6.86
N GLY A 163 11.41 -5.00 -6.61
CA GLY A 163 11.85 -6.25 -6.12
C GLY A 163 13.35 -6.27 -6.04
N ILE A 164 13.88 -7.45 -5.70
CA ILE A 164 15.34 -7.69 -5.58
C ILE A 164 15.63 -8.93 -6.40
N PRO A 165 16.72 -8.91 -7.19
CA PRO A 165 16.96 -10.05 -8.04
C PRO A 165 17.32 -11.30 -7.22
N ASP A 166 16.77 -12.44 -7.58
CA ASP A 166 17.01 -13.71 -6.87
C ASP A 166 16.60 -13.71 -5.44
N SER A 167 15.51 -13.06 -5.13
CA SER A 167 15.09 -12.94 -3.79
C SER A 167 13.59 -13.05 -3.67
N LYS A 168 13.16 -13.70 -2.61
CA LYS A 168 11.76 -13.91 -2.34
C LYS A 168 11.10 -12.71 -1.68
N THR A 169 11.89 -11.73 -1.24
CA THR A 169 11.37 -10.63 -0.45
C THR A 169 10.29 -9.83 -1.26
N ASN A 170 9.05 -9.85 -0.78
CA ASN A 170 7.93 -9.36 -1.62
C ASN A 170 6.65 -9.19 -0.81
N THR A 171 5.64 -8.61 -1.46
CA THR A 171 4.30 -8.49 -0.92
C THR A 171 3.50 -9.79 -1.03
N CYS A 172 2.43 -9.87 -0.26
CA CYS A 172 1.53 -10.99 -0.37
C CYS A 172 0.14 -10.63 0.18
N ASN A 173 -0.78 -11.60 0.12
CA ASN A 173 -2.16 -11.46 0.50
C ASN A 173 -2.28 -10.74 1.85
N GLY A 174 -3.01 -9.63 1.84
CA GLY A 174 -3.24 -8.84 3.05
C GLY A 174 -2.41 -7.57 3.06
N ASP A 175 -1.39 -7.50 2.20
CA ASP A 175 -0.50 -6.32 2.06
C ASP A 175 -1.07 -5.26 1.08
N SER A 176 -2.00 -5.68 0.24
CA SER A 176 -2.77 -4.78 -0.68
C SER A 176 -3.05 -3.39 -0.08
N GLY A 177 -2.76 -2.35 -0.83
CA GLY A 177 -3.15 -0.96 -0.50
C GLY A 177 -2.15 -0.26 0.32
N GLY A 178 -1.13 -1.02 0.77
CA GLY A 178 -0.12 -0.51 1.63
C GLY A 178 0.97 0.27 0.89
N PRO A 179 1.75 1.06 1.64
CA PRO A 179 2.72 1.99 1.11
C PRO A 179 4.02 1.33 0.64
N LEU A 180 4.48 1.76 -0.54
CA LEU A 180 5.89 1.65 -0.97
C LEU A 180 6.48 3.03 -0.91
N VAL A 181 7.40 3.22 0.02
CA VAL A 181 8.05 4.54 0.23
C VAL A 181 9.53 4.45 -0.23
N CYS A 182 9.98 5.49 -0.95
CA CYS A 182 11.31 5.55 -1.55
C CYS A 182 11.75 6.97 -1.37
N ASN A 183 12.80 7.23 -0.59
CA ASN A 183 13.31 8.61 -0.51
C ASN A 183 12.40 9.52 0.30
N ASP A 184 11.81 8.99 1.35
CA ASP A 184 10.79 9.68 2.10
C ASP A 184 9.50 10.17 1.33
N THR A 185 9.17 9.62 0.17
CA THR A 185 7.86 9.86 -0.41
C THR A 185 7.18 8.56 -0.80
N LEU A 186 5.86 8.58 -0.85
CA LEU A 186 5.05 7.41 -1.29
C LEU A 186 5.13 7.27 -2.80
N GLN A 187 5.79 6.24 -3.27
CA GLN A 187 5.86 6.02 -4.67
C GLN A 187 4.88 4.99 -5.14
N GLY A 188 4.44 4.08 -4.26
CA GLY A 188 3.59 3.00 -4.70
C GLY A 188 2.55 2.61 -3.70
N LEU A 189 1.48 1.96 -4.23
CA LEU A 189 0.50 1.23 -3.46
C LEU A 189 0.48 -0.20 -3.90
N VAL A 190 0.57 -1.11 -2.94
CA VAL A 190 0.59 -2.54 -3.27
C VAL A 190 -0.66 -2.94 -4.07
N SER A 191 -0.47 -3.45 -5.30
CA SER A 191 -1.61 -3.83 -6.20
C SER A 191 -1.63 -5.35 -6.39
N TRP A 192 -0.58 -5.92 -6.96
CA TRP A 192 -0.61 -7.39 -7.30
C TRP A 192 0.78 -7.97 -7.57
N GLY A 193 0.82 -9.30 -7.79
CA GLY A 193 2.08 -10.05 -7.74
C GLY A 193 1.76 -11.39 -8.30
N THR A 194 2.70 -12.32 -8.35
CA THR A 194 2.36 -13.67 -8.83
C THR A 194 2.06 -14.52 -7.64
N TYR A 195 1.41 -15.64 -7.90
CA TYR A 195 0.96 -16.51 -6.83
C TYR A 195 1.40 -17.93 -7.20
N PRO A 196 2.17 -18.61 -6.34
CA PRO A 196 2.40 -18.19 -4.95
C PRO A 196 3.29 -16.94 -4.84
N CYS A 197 3.20 -16.29 -3.73
CA CYS A 197 4.00 -15.12 -3.47
C CYS A 197 5.47 -15.47 -3.26
N GLY A 198 6.33 -14.47 -3.40
CA GLY A 198 7.71 -14.59 -2.97
C GLY A 198 8.57 -15.41 -3.94
N GLN A 199 8.19 -15.42 -5.21
CA GLN A 199 8.97 -16.12 -6.22
C GLN A 199 10.10 -15.20 -6.74
N PRO A 200 11.35 -15.69 -6.70
CA PRO A 200 12.48 -14.88 -7.15
C PRO A 200 12.29 -14.35 -8.54
N ASN A 201 12.60 -13.08 -8.75
CA ASN A 201 12.56 -12.47 -10.06
C ASN A 201 11.12 -12.29 -10.61
N ASP A 202 10.11 -12.47 -9.76
CA ASP A 202 8.72 -12.05 -10.05
C ASP A 202 8.43 -10.77 -9.26
N PRO A 203 8.66 -9.59 -9.88
CA PRO A 203 8.51 -8.31 -9.16
C PRO A 203 7.15 -8.16 -8.52
N GLY A 204 7.07 -7.43 -7.42
CA GLY A 204 5.81 -6.98 -6.93
C GLY A 204 5.33 -5.80 -7.75
N VAL A 205 4.02 -5.62 -7.84
CA VAL A 205 3.48 -4.55 -8.70
C VAL A 205 2.63 -3.58 -7.97
N TYR A 206 2.80 -2.31 -8.31
CA TYR A 206 2.30 -1.25 -7.52
C TYR A 206 1.64 -0.15 -8.39
N THR A 207 0.63 0.51 -7.84
CA THR A 207 0.13 1.72 -8.47
C THR A 207 1.12 2.84 -8.25
N GLN A 208 1.56 3.47 -9.36
CA GLN A 208 2.58 4.44 -9.34
C GLN A 208 2.02 5.82 -8.95
N VAL A 209 2.14 6.14 -7.68
CA VAL A 209 1.43 7.26 -7.08
C VAL A 209 1.80 8.62 -7.69
N CYS A 210 3.00 8.74 -8.23
CA CYS A 210 3.41 10.00 -8.87
C CYS A 210 2.57 10.31 -10.10
N LYS A 211 1.79 9.34 -10.58
CA LYS A 211 1.08 9.57 -11.84
C LYS A 211 -0.34 10.02 -11.54
N TYR A 212 -0.70 10.08 -10.28
CA TYR A 212 -2.06 10.39 -9.92
C TYR A 212 -2.11 11.62 -9.06
N LYS A 213 -1.17 12.54 -9.24
CA LYS A 213 -1.06 13.66 -8.34
C LYS A 213 -2.26 14.70 -8.54
N ARG A 214 -2.65 14.94 -9.75
CA ARG A 214 -3.80 15.79 -10.00
C ARG A 214 -5.08 15.18 -9.39
N TRP A 215 -5.25 13.87 -9.57
CA TRP A 215 -6.46 13.21 -9.15
C TRP A 215 -6.57 13.19 -7.60
N VAL A 216 -5.49 12.87 -6.96
CA VAL A 216 -5.49 12.83 -5.51
C VAL A 216 -5.80 14.18 -4.97
N MET A 217 -5.15 15.19 -5.52
CA MET A 217 -5.41 16.57 -5.08
C MET A 217 -6.85 17.05 -5.37
N GLU A 218 -7.36 16.69 -6.51
CA GLU A 218 -8.64 17.12 -6.86
C GLU A 218 -9.68 16.47 -5.94
N THR A 219 -9.51 15.18 -5.68
CA THR A 219 -10.43 14.44 -4.90
C THR A 219 -10.42 14.87 -3.40
N MET A 220 -9.23 15.16 -2.87
CA MET A 220 -9.08 15.58 -1.45
C MET A 220 -9.42 16.98 -1.19
N LYS A 221 -9.33 17.79 -2.20
CA LYS A 221 -9.39 19.20 -1.99
C LYS A 221 -10.46 19.48 -0.91
N THR A 222 -10.28 20.63 -0.25
CA THR A 222 -11.24 21.08 0.73
C THR A 222 -11.59 22.52 0.54
N HIS A 223 -11.12 23.12 -0.53
CA HIS A 223 -11.47 24.49 -0.79
C HIS A 223 -11.86 24.69 -2.20
N ARG A 224 -10.89 24.56 -3.07
CA ARG A 224 -11.10 24.82 -4.47
C ARG A 224 -10.28 23.90 -5.34
#